data_5MKT
#
_entry.id   5MKT
#
_cell.length_a   141.232
_cell.length_b   141.232
_cell.length_c   82.961
_cell.angle_alpha   90.00
_cell.angle_beta   90.00
_cell.angle_gamma   90.00
#
_symmetry.space_group_name_H-M   'I 41'
#
loop_
_entity.id
_entity.type
_entity.pdbx_description
1 polymer Renin-1
2 non-polymer 2-acetamido-2-deoxy-beta-D-glucopyranose
#
_entity_poly.entity_id   1
_entity_poly.type   'polypeptide(L)'
_entity_poly.pdbx_seq_one_letter_code
;LPTRTATFERIPLKKMPSVREILEERGVDMTRLSAEWGVFTKRPSLTNLTSPVVLTNYLNTQYYGEIGIGTPPQTFKVIF
DTGSANLWVPSTKCSRLYLACGIHSLYESSDSSSYMENGSDFTIHYGSGRVKGFLSQDSVTVGGITVTQTFGEVTELPLI
PFMLAKFDGVLGMGFPAQAVGGVTPVFDHILSQGVLKEEVFSVYYNRGSHLLGGEVVLGGSDPQHYQGNFHYVSISKTDS
WQITMKGVSVGSSTLLCEEGCAVVVDTGSSFISAPTSSLKLIMQALGAKEKRIEEYVVNCSQVPTLPDISFDLGGRAYTL
SSTDYVLQYPNRRDKLCTLALHAMDIPPPTGPVWVLGATFIRKFYTEFDRHNNRIGFALARAAHHHHHH
;
_entity_poly.pdbx_strand_id   A
#
loop_
_chem_comp.id
_chem_comp.type
_chem_comp.name
_chem_comp.formula
NAG D-saccharide, beta linking 2-acetamido-2-deoxy-beta-D-glucopyranose 'C8 H15 N O6'
#
# COMPACT_ATOMS: atom_id res chain seq x y z
N GLU A 9 16.46 -4.39 -9.72
CA GLU A 9 15.98 -3.08 -9.21
C GLU A 9 14.51 -2.81 -9.54
N ARG A 10 14.19 -2.73 -10.83
CA ARG A 10 12.86 -2.32 -11.30
C ARG A 10 11.84 -3.45 -11.26
N ILE A 11 10.74 -3.22 -10.54
CA ILE A 11 9.56 -4.09 -10.54
C ILE A 11 8.44 -3.31 -11.23
N PRO A 12 7.99 -3.77 -12.42
CA PRO A 12 6.92 -3.07 -13.11
C PRO A 12 5.54 -3.40 -12.55
N LEU A 13 4.84 -2.38 -12.04
CA LEU A 13 3.45 -2.54 -11.58
C LEU A 13 2.51 -2.49 -12.78
N LYS A 14 1.41 -3.24 -12.69
CA LYS A 14 0.40 -3.32 -13.77
C LYS A 14 -0.91 -2.68 -13.35
N LYS A 15 -1.61 -2.11 -14.33
CA LYS A 15 -2.92 -1.48 -14.11
C LYS A 15 -3.98 -2.57 -13.91
N MET A 16 -4.98 -2.26 -13.09
CA MET A 16 -5.99 -3.23 -12.66
C MET A 16 -7.33 -2.52 -12.42
N PRO A 17 -8.45 -3.15 -12.84
CA PRO A 17 -9.76 -2.62 -12.46
C PRO A 17 -10.05 -2.96 -11.00
N SER A 18 -10.26 -1.94 -10.18
CA SER A 18 -10.54 -2.14 -8.75
C SER A 18 -11.89 -2.79 -8.52
N VAL A 19 -12.08 -3.33 -7.32
CA VAL A 19 -13.35 -3.96 -6.92
C VAL A 19 -14.49 -2.94 -6.97
N ARG A 20 -14.17 -1.68 -6.67
CA ARG A 20 -15.13 -0.57 -6.77
C ARG A 20 -15.60 -0.40 -8.20
N GLU A 21 -14.65 -0.34 -9.13
CA GLU A 21 -14.94 -0.20 -10.56
C GLU A 21 -15.69 -1.42 -11.14
N ILE A 22 -15.36 -2.61 -10.65
CA ILE A 22 -16.08 -3.84 -11.00
C ILE A 22 -17.55 -3.77 -10.54
N LEU A 23 -17.78 -3.25 -9.34
CA LEU A 23 -19.14 -3.07 -8.80
C LEU A 23 -19.90 -1.92 -9.49
N GLU A 24 -19.20 -0.79 -9.71
CA GLU A 24 -19.81 0.39 -10.34
C GLU A 24 -20.15 0.22 -11.83
N GLU A 25 -19.36 -0.61 -12.53
CA GLU A 25 -19.67 -0.97 -13.92
C GLU A 25 -20.97 -1.79 -14.04
N ARG A 26 -21.25 -2.62 -13.04
CA ARG A 26 -22.51 -3.36 -12.96
C ARG A 26 -23.70 -2.46 -12.63
N GLY A 27 -23.47 -1.44 -11.78
CA GLY A 27 -24.51 -0.50 -11.36
C GLY A 27 -25.14 -0.96 -10.07
N VAL A 28 -24.79 -0.28 -8.96
CA VAL A 28 -25.18 -0.73 -7.62
C VAL A 28 -25.32 0.45 -6.63
N ASP A 29 -26.17 0.26 -5.63
CA ASP A 29 -26.40 1.25 -4.56
C ASP A 29 -25.39 1.07 -3.42
N MET A 30 -25.58 1.82 -2.33
CA MET A 30 -24.81 1.64 -1.09
C MET A 30 -25.15 0.29 -0.46
N THR A 31 -24.12 -0.44 -0.02
CA THR A 31 -24.26 -1.78 0.54
C THR A 31 -23.54 -1.90 1.89
N ARG A 32 -23.81 -2.99 2.60
CA ARG A 32 -23.20 -3.25 3.91
C ARG A 32 -21.72 -3.66 3.76
N LEU A 33 -20.86 -3.03 4.56
CA LEU A 33 -19.41 -3.30 4.57
C LEU A 33 -18.74 -3.06 3.21
N SER A 51 -2.89 -7.08 18.22
CA SER A 51 -2.62 -7.12 16.79
C SER A 51 -2.38 -5.72 16.23
N PRO A 52 -1.63 -5.62 15.10
CA PRO A 52 -1.38 -4.30 14.49
C PRO A 52 -2.60 -3.76 13.74
N VAL A 53 -2.52 -2.48 13.36
CA VAL A 53 -3.64 -1.77 12.73
C VAL A 53 -3.58 -1.94 11.21
N VAL A 54 -4.64 -2.51 10.64
CA VAL A 54 -4.73 -2.73 9.20
C VAL A 54 -5.34 -1.48 8.57
N LEU A 55 -4.53 -0.73 7.84
CA LEU A 55 -4.87 0.62 7.40
C LEU A 55 -5.71 0.65 6.12
N THR A 56 -5.34 -0.16 5.14
CA THR A 56 -5.92 -0.09 3.78
C THR A 56 -7.06 -1.09 3.57
N ASN A 57 -8.15 -0.60 2.97
CA ASN A 57 -9.15 -1.46 2.35
C ASN A 57 -8.69 -1.71 0.92
N TYR A 58 -8.57 -2.98 0.52
CA TYR A 58 -8.14 -3.34 -0.83
C TYR A 58 -9.28 -3.28 -1.88
N LEU A 59 -10.43 -2.73 -1.49
CA LEU A 59 -11.55 -2.48 -2.41
C LEU A 59 -11.16 -1.50 -3.54
N ASN A 60 -10.48 -0.41 -3.18
CA ASN A 60 -10.13 0.65 -4.14
C ASN A 60 -8.74 0.50 -4.82
N THR A 61 -7.98 -0.53 -4.48
CA THR A 61 -6.61 -0.71 -5.01
C THR A 61 -6.62 -1.02 -6.50
N GLN A 62 -5.78 -0.31 -7.26
CA GLN A 62 -5.73 -0.39 -8.72
C GLN A 62 -4.39 -0.87 -9.29
N TYR A 63 -3.47 -1.32 -8.42
CA TYR A 63 -2.09 -1.63 -8.83
C TYR A 63 -1.57 -2.91 -8.18
N TYR A 64 -0.83 -3.70 -8.97
CA TYR A 64 -0.18 -4.91 -8.49
C TYR A 64 1.15 -5.15 -9.21
N GLY A 65 2.02 -5.92 -8.58
CA GLY A 65 3.26 -6.42 -9.20
C GLY A 65 3.32 -7.93 -9.07
N GLU A 66 4.26 -8.54 -9.79
CA GLU A 66 4.43 -10.00 -9.80
C GLU A 66 5.66 -10.45 -9.00
N ILE A 67 5.51 -11.55 -8.28
CA ILE A 67 6.62 -12.18 -7.54
C ILE A 67 6.61 -13.69 -7.74
N GLY A 68 7.78 -14.32 -7.58
CA GLY A 68 7.94 -15.77 -7.70
C GLY A 68 8.28 -16.41 -6.36
N ILE A 69 7.59 -17.50 -6.02
CA ILE A 69 7.83 -18.23 -4.78
C ILE A 69 8.22 -19.68 -5.08
N GLY A 70 9.31 -20.14 -4.50
CA GLY A 70 9.74 -21.54 -4.58
C GLY A 70 10.74 -21.86 -5.66
N THR A 71 11.11 -23.14 -5.74
CA THR A 71 12.08 -23.66 -6.70
C THR A 71 11.50 -24.90 -7.40
N PRO A 72 11.01 -24.79 -8.65
CA PRO A 72 11.03 -23.56 -9.45
C PRO A 72 9.99 -22.52 -9.02
N PRO A 73 10.12 -21.25 -9.49
CA PRO A 73 9.22 -20.18 -9.03
C PRO A 73 7.77 -20.30 -9.50
N GLN A 74 6.85 -20.26 -8.53
CA GLN A 74 5.42 -20.16 -8.79
C GLN A 74 5.04 -18.67 -8.72
N THR A 75 4.49 -18.14 -9.81
CA THR A 75 4.23 -16.70 -9.92
C THR A 75 2.94 -16.29 -9.19
N PHE A 76 2.96 -15.11 -8.57
CA PHE A 76 1.79 -14.54 -7.89
C PHE A 76 1.70 -13.03 -8.14
N LYS A 77 0.48 -12.57 -8.41
CA LYS A 77 0.18 -11.14 -8.54
C LYS A 77 -0.13 -10.61 -7.14
N VAL A 78 0.63 -9.61 -6.69
CA VAL A 78 0.51 -9.09 -5.32
C VAL A 78 0.57 -7.57 -5.24
N ILE A 79 -0.12 -7.01 -4.26
CA ILE A 79 -0.10 -5.57 -3.99
C ILE A 79 1.15 -5.21 -3.17
N PHE A 80 1.85 -4.17 -3.60
CA PHE A 80 3.02 -3.65 -2.88
C PHE A 80 2.54 -2.57 -1.90
N ASP A 81 2.30 -2.99 -0.66
CA ASP A 81 1.57 -2.21 0.35
C ASP A 81 2.49 -1.78 1.50
N THR A 82 2.75 -0.48 1.63
CA THR A 82 3.50 0.05 2.77
C THR A 82 2.68 0.08 4.07
N GLY A 83 1.34 -0.02 3.95
CA GLY A 83 0.46 -0.11 5.11
C GLY A 83 0.65 -1.34 5.98
N SER A 84 1.00 -2.47 5.35
CA SER A 84 1.25 -3.73 6.06
C SER A 84 2.73 -4.14 5.93
N ALA A 85 3.12 -5.11 6.76
CA ALA A 85 4.48 -5.67 6.74
C ALA A 85 4.52 -7.19 6.50
N ASN A 86 3.37 -7.78 6.13
CA ASN A 86 3.28 -9.23 5.91
C ASN A 86 3.17 -9.54 4.42
N LEU A 87 3.81 -10.65 4.02
CA LEU A 87 3.68 -11.21 2.68
C LEU A 87 2.82 -12.46 2.80
N TRP A 88 1.65 -12.45 2.16
CA TRP A 88 0.76 -13.62 2.11
C TRP A 88 0.22 -13.84 0.70
N VAL A 89 0.06 -15.11 0.34
CA VAL A 89 -0.56 -15.53 -0.93
C VAL A 89 -1.55 -16.66 -0.64
N PRO A 90 -2.54 -16.89 -1.55
CA PRO A 90 -3.47 -17.99 -1.34
C PRO A 90 -2.81 -19.36 -1.48
N SER A 91 -3.21 -20.30 -0.62
CA SER A 91 -2.66 -21.65 -0.63
C SER A 91 -3.56 -22.58 -1.45
N THR A 92 -3.01 -23.72 -1.86
CA THR A 92 -3.80 -24.81 -2.42
C THR A 92 -4.62 -25.53 -1.34
N LYS A 93 -4.27 -25.31 -0.08
CA LYS A 93 -4.88 -25.98 1.07
C LYS A 93 -6.14 -25.29 1.65
N CYS A 94 -6.67 -24.26 0.99
CA CYS A 94 -7.90 -23.60 1.49
C CYS A 94 -9.14 -24.48 1.29
N SER A 95 -10.08 -24.35 2.22
CA SER A 95 -11.25 -25.22 2.29
C SER A 95 -12.31 -24.87 1.26
N ARG A 96 -13.29 -25.77 1.13
CA ARG A 96 -14.45 -25.55 0.27
C ARG A 96 -15.41 -24.49 0.82
N LEU A 97 -15.39 -24.28 2.14
CA LEU A 97 -16.28 -23.32 2.80
C LEU A 97 -15.96 -21.86 2.46
N TYR A 98 -14.67 -21.57 2.24
CA TYR A 98 -14.21 -20.22 1.85
C TYR A 98 -13.87 -20.21 0.35
N LEU A 99 -14.80 -19.71 -0.45
CA LEU A 99 -14.69 -19.74 -1.92
C LEU A 99 -13.80 -18.64 -2.51
N ALA A 100 -13.55 -17.57 -1.75
CA ALA A 100 -12.74 -16.44 -2.23
C ALA A 100 -11.27 -16.80 -2.46
N CYS A 101 -10.74 -17.76 -1.69
CA CYS A 101 -9.37 -18.24 -1.86
C CYS A 101 -9.15 -19.02 -3.16
N GLY A 102 -10.02 -19.99 -3.42
CA GLY A 102 -9.87 -20.93 -4.53
C GLY A 102 -9.82 -20.37 -5.95
N ILE A 103 -10.30 -19.15 -6.14
CA ILE A 103 -10.30 -18.49 -7.47
C ILE A 103 -8.90 -18.12 -7.96
N HIS A 104 -8.05 -17.63 -7.06
CA HIS A 104 -6.74 -17.07 -7.44
C HIS A 104 -5.70 -18.15 -7.72
N SER A 105 -4.49 -17.72 -8.11
CA SER A 105 -3.33 -18.61 -8.22
C SER A 105 -2.95 -19.09 -6.82
N LEU A 106 -2.71 -20.40 -6.69
CA LEU A 106 -2.53 -21.06 -5.39
C LEU A 106 -1.12 -21.61 -5.21
N TYR A 107 -0.60 -21.51 -3.99
CA TYR A 107 0.73 -22.02 -3.65
C TYR A 107 0.66 -23.51 -3.27
N GLU A 108 1.42 -24.33 -4.00
CA GLU A 108 1.57 -25.75 -3.69
C GLU A 108 2.99 -25.99 -3.18
N SER A 109 3.11 -26.44 -1.93
CA SER A 109 4.40 -26.74 -1.31
C SER A 109 5.10 -27.96 -1.94
N SER A 110 4.30 -28.90 -2.44
CA SER A 110 4.81 -30.13 -3.06
C SER A 110 5.55 -29.94 -4.39
N ASP A 111 5.44 -28.76 -5.01
CA ASP A 111 6.18 -28.43 -6.24
C ASP A 111 7.43 -27.57 -5.97
N SER A 112 7.86 -27.47 -4.71
CA SER A 112 9.02 -26.66 -4.32
C SER A 112 10.00 -27.49 -3.51
N SER A 113 11.24 -27.60 -3.99
CA SER A 113 12.30 -28.30 -3.26
C SER A 113 12.83 -27.50 -2.07
N SER A 114 12.68 -26.17 -2.11
CA SER A 114 13.16 -25.27 -1.04
C SER A 114 12.13 -24.94 0.04
N TYR A 115 10.95 -25.57 -0.01
CA TYR A 115 9.92 -25.40 1.03
C TYR A 115 10.39 -25.94 2.37
N MET A 116 10.11 -25.19 3.44
CA MET A 116 10.38 -25.61 4.82
C MET A 116 9.21 -25.21 5.71
N GLU A 117 8.52 -26.20 6.27
CA GLU A 117 7.27 -25.98 7.01
C GLU A 117 7.47 -25.29 8.36
N ASN A 118 6.49 -24.46 8.73
CA ASN A 118 6.42 -23.81 10.04
C ASN A 118 5.19 -24.33 10.79
N GLY A 119 4.01 -24.14 10.19
CA GLY A 119 2.76 -24.69 10.71
C GLY A 119 1.98 -23.82 11.69
N SER A 120 2.55 -22.69 12.11
CA SER A 120 1.94 -21.84 13.14
C SER A 120 0.80 -21.00 12.57
N ASP A 121 -0.28 -20.87 13.33
CA ASP A 121 -1.45 -20.09 12.91
C ASP A 121 -1.11 -18.61 12.83
N PHE A 122 -1.72 -17.92 11.86
CA PHE A 122 -1.62 -16.46 11.75
C PHE A 122 -2.95 -15.90 11.25
N THR A 123 -3.28 -14.69 11.69
CA THR A 123 -4.57 -14.07 11.39
C THR A 123 -4.42 -12.56 11.22
N ILE A 124 -4.57 -12.08 9.99
CA ILE A 124 -4.67 -10.65 9.69
C ILE A 124 -6.14 -10.27 9.66
N HIS A 125 -6.47 -9.11 10.23
CA HIS A 125 -7.84 -8.58 10.23
C HIS A 125 -8.04 -7.63 9.04
N TYR A 126 -8.38 -8.19 7.88
CA TYR A 126 -8.51 -7.44 6.63
C TYR A 126 -9.46 -6.26 6.72
N GLY A 127 -10.62 -6.50 7.33
CA GLY A 127 -11.58 -5.44 7.68
C GLY A 127 -12.23 -5.80 9.00
N SER A 128 -13.52 -6.09 8.96
CA SER A 128 -14.22 -6.73 10.08
C SER A 128 -13.87 -8.22 10.08
N GLY A 129 -13.94 -8.85 8.90
CA GLY A 129 -13.55 -10.24 8.72
C GLY A 129 -12.04 -10.46 8.79
N ARG A 130 -11.65 -11.73 8.90
CA ARG A 130 -10.26 -12.12 9.13
C ARG A 130 -9.70 -12.95 7.97
N VAL A 131 -8.41 -12.76 7.69
CA VAL A 131 -7.65 -13.54 6.71
C VAL A 131 -6.79 -14.54 7.49
N LYS A 132 -7.23 -15.80 7.54
CA LYS A 132 -6.56 -16.84 8.32
C LYS A 132 -5.76 -17.81 7.44
N GLY A 133 -4.67 -18.34 7.99
CA GLY A 133 -3.86 -19.34 7.31
C GLY A 133 -2.85 -19.99 8.23
N PHE A 134 -1.69 -20.33 7.68
CA PHE A 134 -0.59 -20.91 8.47
C PHE A 134 0.77 -20.61 7.81
N LEU A 135 1.78 -20.36 8.63
CA LEU A 135 3.08 -19.90 8.15
C LEU A 135 3.87 -20.99 7.41
N SER A 136 4.77 -20.54 6.54
CA SER A 136 5.64 -21.44 5.77
C SER A 136 6.80 -20.66 5.17
N GLN A 137 7.95 -21.30 5.05
CA GLN A 137 9.16 -20.66 4.52
C GLN A 137 9.48 -21.20 3.13
N ASP A 138 9.89 -20.29 2.24
CA ASP A 138 10.34 -20.66 0.90
C ASP A 138 11.11 -19.50 0.25
N SER A 139 11.85 -19.81 -0.82
CA SER A 139 12.61 -18.81 -1.56
C SER A 139 11.67 -17.88 -2.35
N VAL A 140 11.72 -16.59 -2.04
CA VAL A 140 10.86 -15.58 -2.69
C VAL A 140 11.71 -14.66 -3.56
N THR A 141 11.34 -14.57 -4.84
CA THR A 141 12.09 -13.80 -5.83
C THR A 141 11.34 -12.51 -6.18
N VAL A 142 11.97 -11.35 -5.96
CA VAL A 142 11.44 -10.05 -6.39
C VAL A 142 12.54 -9.23 -7.07
N GLY A 143 12.22 -8.64 -8.23
CA GLY A 143 13.14 -7.79 -8.99
C GLY A 143 14.52 -8.37 -9.29
N GLY A 144 14.58 -9.69 -9.50
CA GLY A 144 15.85 -10.39 -9.72
C GLY A 144 16.53 -10.96 -8.48
N ILE A 145 16.16 -10.46 -7.30
CA ILE A 145 16.77 -10.87 -6.03
C ILE A 145 15.94 -11.98 -5.39
N THR A 146 16.59 -13.09 -5.05
CA THR A 146 15.97 -14.17 -4.29
C THR A 146 16.33 -14.04 -2.81
N VAL A 147 15.36 -14.26 -1.93
CA VAL A 147 15.57 -14.26 -0.47
C VAL A 147 14.78 -15.38 0.19
N THR A 148 15.32 -15.93 1.28
CA THR A 148 14.60 -16.90 2.10
C THR A 148 13.64 -16.12 3.00
N GLN A 149 12.34 -16.37 2.83
CA GLN A 149 11.29 -15.57 3.46
C GLN A 149 10.22 -16.47 4.08
N THR A 150 9.82 -16.16 5.31
CA THR A 150 8.66 -16.79 5.95
C THR A 150 7.40 -16.02 5.55
N PHE A 151 6.41 -16.73 5.03
CA PHE A 151 5.14 -16.14 4.60
C PHE A 151 3.95 -16.98 5.05
N GLY A 152 2.80 -16.33 5.14
CA GLY A 152 1.55 -16.98 5.54
C GLY A 152 0.75 -17.43 4.34
N GLU A 153 0.78 -18.73 4.03
CA GLU A 153 -0.05 -19.28 2.97
C GLU A 153 -1.51 -19.38 3.46
N VAL A 154 -2.41 -18.64 2.81
CA VAL A 154 -3.75 -18.37 3.31
C VAL A 154 -4.72 -19.53 3.03
N THR A 155 -5.51 -19.89 4.04
CA THR A 155 -6.55 -20.92 3.92
C THR A 155 -7.99 -20.40 4.01
N GLU A 156 -8.19 -19.19 4.55
CA GLU A 156 -9.51 -18.57 4.63
C GLU A 156 -9.45 -17.09 4.28
N LEU A 157 -9.88 -16.75 3.07
CA LEU A 157 -10.10 -15.35 2.67
C LEU A 157 -11.59 -15.04 2.81
N PRO A 158 -11.93 -13.85 3.36
CA PRO A 158 -13.35 -13.47 3.43
C PRO A 158 -13.93 -13.15 2.04
N LEU A 159 -15.25 -13.11 1.96
CA LEU A 159 -15.94 -12.96 0.67
C LEU A 159 -15.64 -11.58 0.08
N ILE A 160 -15.89 -10.55 0.88
CA ILE A 160 -15.52 -9.17 0.52
C ILE A 160 -14.02 -8.93 0.81
N PRO A 161 -13.28 -8.24 -0.07
CA PRO A 161 -13.62 -7.94 -1.46
C PRO A 161 -12.77 -8.77 -2.43
N PHE A 162 -12.30 -9.94 -1.98
CA PHE A 162 -11.25 -10.70 -2.66
C PHE A 162 -11.77 -11.54 -3.83
N MET A 163 -13.03 -11.94 -3.79
CA MET A 163 -13.62 -12.78 -4.86
C MET A 163 -13.60 -12.08 -6.23
N LEU A 164 -13.93 -10.79 -6.24
CA LEU A 164 -13.90 -9.97 -7.46
C LEU A 164 -12.48 -9.52 -7.85
N ALA A 165 -11.58 -9.42 -6.87
CA ALA A 165 -10.22 -8.92 -7.07
C ALA A 165 -9.34 -9.84 -7.91
N LYS A 166 -8.60 -9.26 -8.86
CA LYS A 166 -7.68 -9.99 -9.74
C LYS A 166 -6.39 -10.39 -9.04
N PHE A 167 -5.88 -9.51 -8.16
CA PHE A 167 -4.66 -9.78 -7.40
C PHE A 167 -4.81 -10.98 -6.47
N ASP A 168 -3.74 -11.76 -6.34
CA ASP A 168 -3.75 -13.01 -5.58
C ASP A 168 -3.55 -12.75 -4.09
N GLY A 169 -2.51 -11.99 -3.75
CA GLY A 169 -2.16 -11.69 -2.35
C GLY A 169 -1.62 -10.29 -2.14
N VAL A 170 -0.87 -10.11 -1.04
CA VAL A 170 -0.29 -8.83 -0.67
C VAL A 170 1.17 -9.00 -0.26
N LEU A 171 2.00 -8.03 -0.63
CA LEU A 171 3.42 -7.96 -0.23
C LEU A 171 3.64 -6.72 0.65
N GLY A 172 3.90 -6.96 1.93
CA GLY A 172 4.04 -5.88 2.91
C GLY A 172 5.41 -5.22 2.85
N MET A 173 5.43 -3.89 2.75
CA MET A 173 6.67 -3.10 2.68
C MET A 173 6.93 -2.30 3.96
N GLY A 174 6.14 -2.54 5.01
CA GLY A 174 6.29 -1.86 6.29
C GLY A 174 7.46 -2.37 7.13
N PHE A 175 7.41 -2.07 8.42
CA PHE A 175 8.49 -2.41 9.36
C PHE A 175 8.24 -3.75 10.06
N PRO A 176 9.30 -4.39 10.59
CA PRO A 176 9.15 -5.68 11.29
C PRO A 176 8.21 -5.68 12.51
N ALA A 177 8.15 -4.55 13.23
CA ALA A 177 7.29 -4.43 14.42
C ALA A 177 5.80 -4.52 14.10
N GLN A 178 5.38 -3.85 13.01
CA GLN A 178 3.98 -3.87 12.58
C GLN A 178 3.59 -5.09 11.71
N ALA A 179 4.49 -6.09 11.61
CA ALA A 179 4.17 -7.40 11.05
C ALA A 179 3.45 -8.28 12.08
N VAL A 180 3.01 -9.45 11.65
CA VAL A 180 2.29 -10.40 12.49
C VAL A 180 3.27 -11.52 12.87
N GLY A 181 3.45 -11.72 14.18
CA GLY A 181 4.44 -12.66 14.71
C GLY A 181 5.88 -12.21 14.53
N GLY A 182 6.08 -10.90 14.38
CA GLY A 182 7.41 -10.31 14.16
C GLY A 182 8.19 -10.87 12.98
N VAL A 183 7.49 -11.31 11.93
CA VAL A 183 8.11 -11.97 10.79
C VAL A 183 8.78 -10.90 9.93
N THR A 184 10.08 -11.06 9.69
CA THR A 184 10.88 -10.08 8.95
C THR A 184 10.39 -9.94 7.51
N PRO A 185 10.04 -8.70 7.08
CA PRO A 185 9.60 -8.47 5.70
C PRO A 185 10.63 -8.81 4.60
N VAL A 186 10.17 -8.80 3.36
CA VAL A 186 11.01 -9.14 2.20
C VAL A 186 12.11 -8.11 1.99
N PHE A 187 11.79 -6.82 2.17
CA PHE A 187 12.79 -5.76 2.01
C PHE A 187 13.87 -5.84 3.08
N ASP A 188 13.53 -6.23 4.30
CA ASP A 188 14.51 -6.42 5.38
C ASP A 188 15.54 -7.49 5.05
N HIS A 189 15.09 -8.60 4.45
CA HIS A 189 15.99 -9.65 3.97
C HIS A 189 16.88 -9.19 2.81
N ILE A 190 16.35 -8.33 1.94
CA ILE A 190 17.13 -7.75 0.85
C ILE A 190 18.23 -6.81 1.39
N LEU A 191 17.93 -6.08 2.47
CA LEU A 191 18.93 -5.24 3.14
C LEU A 191 20.04 -6.07 3.80
N SER A 192 19.69 -7.23 4.35
CA SER A 192 20.65 -8.14 4.99
C SER A 192 21.71 -8.69 4.03
N GLN A 193 21.32 -8.90 2.77
CA GLN A 193 22.25 -9.39 1.74
C GLN A 193 23.29 -8.35 1.32
N GLY A 194 22.91 -7.08 1.34
CA GLY A 194 23.82 -5.98 0.97
C GLY A 194 24.05 -5.88 -0.53
N VAL A 195 22.99 -6.11 -1.31
CA VAL A 195 23.07 -6.09 -2.78
C VAL A 195 22.80 -4.69 -3.32
N LEU A 196 21.88 -3.96 -2.69
CA LEU A 196 21.44 -2.65 -3.18
C LEU A 196 22.50 -1.57 -2.91
N LYS A 197 22.53 -0.54 -3.77
CA LYS A 197 23.43 0.60 -3.58
C LYS A 197 23.03 1.41 -2.35
N GLU A 198 21.74 1.74 -2.25
CA GLU A 198 21.15 2.41 -1.09
C GLU A 198 20.14 1.49 -0.43
N GLU A 199 19.86 1.71 0.85
CA GLU A 199 18.86 0.94 1.59
C GLU A 199 17.49 1.61 1.48
N VAL A 200 16.99 1.71 0.24
CA VAL A 200 15.78 2.47 -0.08
C VAL A 200 14.96 1.77 -1.17
N PHE A 201 13.68 2.16 -1.26
CA PHE A 201 12.85 1.82 -2.42
C PHE A 201 11.94 3.00 -2.76
N SER A 202 11.70 3.21 -4.05
CA SER A 202 10.83 4.28 -4.53
C SER A 202 9.65 3.74 -5.34
N VAL A 203 8.62 4.57 -5.49
CA VAL A 203 7.38 4.19 -6.19
C VAL A 203 7.00 5.27 -7.20
N TYR A 204 6.51 4.82 -8.36
CA TYR A 204 6.01 5.71 -9.42
C TYR A 204 4.72 5.15 -10.00
N TYR A 205 3.66 5.96 -9.97
CA TYR A 205 2.38 5.62 -10.61
C TYR A 205 2.20 6.49 -11.85
N ASN A 206 1.79 5.87 -12.95
CA ASN A 206 1.72 6.53 -14.26
C ASN A 206 0.47 7.41 -14.38
N ARG A 207 0.58 8.46 -15.19
CA ARG A 207 -0.52 9.39 -15.46
C ARG A 207 -1.35 8.89 -16.66
N GLY A 208 -2.47 8.24 -16.37
CA GLY A 208 -3.36 7.71 -17.41
C GLY A 208 -4.43 6.78 -16.85
N LEU A 212 0.27 3.11 -19.37
CA LEU A 212 -0.65 2.37 -18.52
C LEU A 212 0.11 1.42 -17.59
N GLY A 213 0.21 1.80 -16.30
CA GLY A 213 0.87 0.97 -15.28
C GLY A 213 1.54 1.77 -14.18
N GLY A 214 2.61 1.21 -13.63
CA GLY A 214 3.42 1.87 -12.59
C GLY A 214 4.83 1.30 -12.50
N GLU A 215 5.49 1.54 -11.38
CA GLU A 215 6.87 1.07 -11.16
C GLU A 215 7.28 1.15 -9.68
N VAL A 216 7.80 0.04 -9.15
CA VAL A 216 8.49 0.03 -7.86
C VAL A 216 9.97 -0.20 -8.14
N VAL A 217 10.82 0.66 -7.61
CA VAL A 217 12.28 0.56 -7.78
C VAL A 217 12.93 0.23 -6.44
N LEU A 218 13.91 -0.68 -6.47
CA LEU A 218 14.66 -1.08 -5.28
C LEU A 218 16.09 -0.54 -5.35
N GLY A 219 16.58 -0.04 -4.22
CA GLY A 219 17.97 0.43 -4.12
C GLY A 219 18.28 1.75 -4.80
N GLY A 220 17.29 2.63 -4.89
CA GLY A 220 17.47 3.95 -5.51
C GLY A 220 16.19 4.54 -6.06
N SER A 221 16.33 5.67 -6.76
CA SER A 221 15.22 6.37 -7.40
C SER A 221 15.56 6.64 -8.87
N ASP A 222 14.59 6.41 -9.75
CA ASP A 222 14.80 6.46 -11.20
C ASP A 222 14.68 7.90 -11.73
N PRO A 223 15.78 8.48 -12.27
CA PRO A 223 15.73 9.86 -12.76
C PRO A 223 14.81 10.14 -13.96
N GLN A 224 14.45 9.09 -14.70
CA GLN A 224 13.43 9.21 -15.77
C GLN A 224 12.07 9.64 -15.24
N HIS A 225 11.67 9.09 -14.09
CA HIS A 225 10.35 9.35 -13.50
C HIS A 225 10.35 10.35 -12.33
N TYR A 226 11.28 11.30 -12.33
CA TYR A 226 11.19 12.48 -11.45
C TYR A 226 11.90 13.71 -12.04
N GLN A 227 11.58 14.86 -11.46
CA GLN A 227 12.09 16.16 -11.90
C GLN A 227 12.44 17.01 -10.68
N GLY A 228 13.49 17.82 -10.80
CA GLY A 228 13.96 18.67 -9.71
C GLY A 228 14.72 17.87 -8.66
N ASN A 229 14.70 18.37 -7.42
CA ASN A 229 15.44 17.77 -6.31
C ASN A 229 14.49 17.19 -5.25
N PHE A 230 14.93 16.13 -4.58
CA PHE A 230 14.19 15.55 -3.47
C PHE A 230 14.30 16.43 -2.22
N HIS A 231 13.27 16.38 -1.39
CA HIS A 231 13.31 16.95 -0.03
C HIS A 231 12.63 15.97 0.92
N TYR A 232 13.28 15.72 2.05
CA TYR A 232 12.91 14.61 2.94
C TYR A 232 12.24 15.07 4.22
N VAL A 233 11.41 14.20 4.78
CA VAL A 233 10.73 14.42 6.06
C VAL A 233 11.03 13.22 6.96
N SER A 234 11.43 13.49 8.20
CA SER A 234 11.77 12.44 9.16
C SER A 234 10.51 11.73 9.67
N ILE A 235 10.65 10.44 9.98
CA ILE A 235 9.53 9.62 10.43
C ILE A 235 9.23 9.96 11.89
N SER A 236 7.95 10.14 12.21
CA SER A 236 7.50 10.55 13.54
C SER A 236 7.19 9.36 14.45
N LYS A 237 6.50 8.36 13.92
CA LYS A 237 6.20 7.12 14.66
C LYS A 237 7.45 6.24 14.77
N THR A 238 7.45 5.34 15.75
CA THR A 238 8.63 4.54 16.07
C THR A 238 9.02 3.56 14.97
N ASP A 239 8.05 2.80 14.47
CA ASP A 239 8.27 1.84 13.38
C ASP A 239 7.07 1.79 12.42
N SER A 240 6.96 2.82 11.60
CA SER A 240 5.98 2.87 10.50
C SER A 240 6.39 3.93 9.47
N TRP A 241 5.65 4.01 8.37
CA TRP A 241 5.87 5.03 7.34
C TRP A 241 4.94 6.23 7.59
N GLN A 242 5.09 6.82 8.77
CA GLN A 242 4.21 7.88 9.26
C GLN A 242 5.01 9.17 9.48
N ILE A 243 4.48 10.28 8.98
CA ILE A 243 5.13 11.60 9.13
C ILE A 243 4.12 12.65 9.59
N THR A 244 4.60 13.63 10.36
CA THR A 244 3.75 14.69 10.92
C THR A 244 3.58 15.85 9.94
N MET A 245 2.34 16.03 9.48
CA MET A 245 1.96 17.11 8.56
C MET A 245 1.58 18.36 9.36
N LYS A 246 1.96 19.53 8.84
CA LYS A 246 1.82 20.80 9.55
C LYS A 246 1.03 21.85 8.75
N GLY A 247 -0.07 21.44 8.12
CA GLY A 247 -0.95 22.35 7.38
C GLY A 247 -1.66 21.71 6.20
N VAL A 248 -2.99 21.87 6.15
CA VAL A 248 -3.81 21.44 5.01
C VAL A 248 -4.57 22.67 4.50
N SER A 249 -3.97 23.37 3.53
CA SER A 249 -4.52 24.63 3.02
C SER A 249 -5.32 24.43 1.74
N VAL A 250 -6.54 24.99 1.73
CA VAL A 250 -7.42 24.98 0.56
C VAL A 250 -7.29 26.35 -0.12
N GLY A 251 -6.80 26.35 -1.36
CA GLY A 251 -6.52 27.59 -2.09
C GLY A 251 -5.31 28.30 -1.50
N SER A 252 -5.56 29.44 -0.87
CA SER A 252 -4.54 30.19 -0.12
C SER A 252 -4.96 30.49 1.33
N SER A 253 -6.01 29.81 1.81
CA SER A 253 -6.51 29.97 3.19
C SER A 253 -6.44 28.63 3.91
N THR A 254 -5.73 28.60 5.05
CA THR A 254 -5.48 27.36 5.79
C THR A 254 -6.70 26.95 6.63
N LEU A 255 -6.92 25.64 6.73
CA LEU A 255 -8.04 25.07 7.51
C LEU A 255 -7.54 24.29 8.72
N LEU A 256 -6.87 23.16 8.45
CA LEU A 256 -6.59 22.14 9.46
C LEU A 256 -5.11 21.85 9.67
N CYS A 257 -4.82 21.16 10.78
CA CYS A 257 -3.52 20.54 11.05
C CYS A 257 -2.35 21.53 11.18
N GLU A 258 -2.57 22.63 11.89
CA GLU A 258 -1.49 23.58 12.20
C GLU A 258 -0.67 23.07 13.40
N GLU A 259 -1.34 22.55 14.41
CA GLU A 259 -0.69 21.99 15.60
C GLU A 259 0.02 20.65 15.32
N GLY A 260 -0.48 19.90 14.32
CA GLY A 260 0.20 18.68 13.84
C GLY A 260 -0.73 17.49 13.67
N CYS A 261 -0.80 16.96 12.45
CA CYS A 261 -1.56 15.74 12.13
C CYS A 261 -0.61 14.65 11.63
N ALA A 262 -0.81 13.42 12.11
CA ALA A 262 -0.02 12.27 11.66
C ALA A 262 -0.53 11.77 10.31
N VAL A 263 0.39 11.45 9.40
CA VAL A 263 0.06 11.07 8.02
C VAL A 263 0.87 9.87 7.56
N VAL A 264 0.18 8.86 7.02
CA VAL A 264 0.80 7.66 6.48
C VAL A 264 0.79 7.72 4.95
N VAL A 265 1.97 7.56 4.34
CA VAL A 265 2.08 7.50 2.87
C VAL A 265 1.91 6.04 2.42
N ASP A 266 0.65 5.66 2.21
CA ASP A 266 0.32 4.29 1.80
C ASP A 266 0.46 4.13 0.29
N THR A 267 1.04 3.00 -0.13
CA THR A 267 1.21 2.66 -1.55
C THR A 267 0.02 1.85 -2.08
N GLY A 268 -0.55 0.99 -1.23
CA GLY A 268 -1.68 0.12 -1.62
C GLY A 268 -3.05 0.76 -1.76
N SER A 269 -3.18 2.04 -1.42
CA SER A 269 -4.45 2.78 -1.56
C SER A 269 -4.36 3.85 -2.64
N SER A 270 -5.51 4.12 -3.28
CA SER A 270 -5.63 5.15 -4.32
C SER A 270 -6.15 6.49 -3.78
N PHE A 271 -7.17 6.42 -2.91
CA PHE A 271 -7.83 7.62 -2.37
C PHE A 271 -6.97 8.29 -1.29
N ILE A 272 -7.26 9.57 -1.03
CA ILE A 272 -6.70 10.29 0.14
C ILE A 272 -7.71 10.18 1.27
N SER A 273 -7.23 9.81 2.47
CA SER A 273 -8.08 9.66 3.65
C SER A 273 -7.88 10.80 4.64
N ALA A 274 -8.84 10.95 5.55
CA ALA A 274 -8.77 11.93 6.62
C ALA A 274 -9.70 11.52 7.77
N PRO A 275 -9.59 12.20 8.94
CA PRO A 275 -10.59 11.99 10.00
C PRO A 275 -11.98 12.48 9.56
N THR A 276 -13.02 11.84 10.10
CA THR A 276 -14.41 12.10 9.69
C THR A 276 -14.84 13.56 9.91
N SER A 277 -14.48 14.12 11.06
CA SER A 277 -14.76 15.52 11.39
C SER A 277 -13.94 16.48 10.51
N SER A 278 -12.67 16.14 10.29
CA SER A 278 -11.77 16.94 9.45
C SER A 278 -12.18 16.97 7.97
N LEU A 279 -12.73 15.86 7.47
CA LEU A 279 -13.16 15.73 6.07
C LEU A 279 -14.30 16.70 5.71
N LYS A 280 -15.19 16.95 6.67
CA LYS A 280 -16.33 17.86 6.46
C LYS A 280 -15.91 19.29 6.15
N LEU A 281 -14.98 19.82 6.94
CA LEU A 281 -14.46 21.19 6.75
C LEU A 281 -13.75 21.40 5.41
N ILE A 282 -13.09 20.34 4.91
CA ILE A 282 -12.36 20.39 3.64
C ILE A 282 -13.33 20.33 2.46
N MET A 283 -14.34 19.46 2.57
CA MET A 283 -15.41 19.33 1.57
C MET A 283 -16.24 20.60 1.37
N GLN A 284 -16.36 21.43 2.42
CA GLN A 284 -17.11 22.70 2.34
C GLN A 284 -16.58 23.64 1.27
N ALA A 285 -15.27 23.90 1.29
CA ALA A 285 -14.63 24.78 0.31
C ALA A 285 -14.39 24.04 -1.01
N TYR A 296 -21.85 9.22 1.87
CA TYR A 296 -22.86 9.09 0.83
C TYR A 296 -22.79 10.24 -0.17
N VAL A 297 -22.80 11.47 0.34
CA VAL A 297 -22.84 12.69 -0.47
C VAL A 297 -21.43 13.15 -0.86
N VAL A 298 -21.27 13.51 -2.14
CA VAL A 298 -20.06 14.17 -2.65
C VAL A 298 -20.51 15.31 -3.56
N ASN A 299 -20.09 16.53 -3.25
CA ASN A 299 -20.55 17.74 -3.97
C ASN A 299 -19.66 18.06 -5.18
N CYS A 300 -19.59 17.12 -6.12
CA CYS A 300 -18.79 17.29 -7.33
C CYS A 300 -19.69 17.69 -8.51
N SER A 301 -19.40 18.85 -9.10
CA SER A 301 -20.06 19.32 -10.32
C SER A 301 -18.99 19.72 -11.33
N GLN A 302 -19.33 19.64 -12.61
CA GLN A 302 -18.36 19.85 -13.68
C GLN A 302 -17.88 21.30 -13.81
N VAL A 303 -16.92 21.67 -12.95
CA VAL A 303 -16.25 22.98 -12.99
C VAL A 303 -14.75 22.79 -12.66
N PRO A 304 -13.85 23.24 -13.58
CA PRO A 304 -12.41 23.09 -13.36
C PRO A 304 -11.75 24.18 -12.52
N THR A 305 -12.50 25.23 -12.15
CA THR A 305 -11.96 26.36 -11.37
C THR A 305 -12.15 26.20 -9.84
N LEU A 306 -12.23 24.96 -9.37
CA LEU A 306 -12.19 24.67 -7.93
C LEU A 306 -10.80 24.98 -7.35
N PRO A 307 -10.73 25.29 -6.04
CA PRO A 307 -9.45 25.74 -5.47
C PRO A 307 -8.46 24.60 -5.27
N ASP A 308 -7.18 24.87 -5.53
CA ASP A 308 -6.11 23.88 -5.33
C ASP A 308 -5.93 23.58 -3.86
N ILE A 309 -5.64 22.31 -3.55
CA ILE A 309 -5.48 21.84 -2.17
C ILE A 309 -4.05 21.34 -2.00
N SER A 310 -3.40 21.75 -0.90
CA SER A 310 -1.99 21.42 -0.65
C SER A 310 -1.75 20.94 0.77
N PHE A 311 -0.63 20.24 0.95
CA PHE A 311 -0.24 19.63 2.21
C PHE A 311 1.16 20.13 2.59
N ASP A 312 1.32 20.55 3.85
CA ASP A 312 2.60 21.05 4.35
C ASP A 312 3.39 19.93 5.03
N LEU A 313 4.40 19.42 4.32
CA LEU A 313 5.22 18.31 4.80
C LEU A 313 6.68 18.75 4.95
N GLY A 314 7.09 19.02 6.18
CA GLY A 314 8.45 19.49 6.48
C GLY A 314 8.71 20.91 6.01
N GLY A 315 7.71 21.78 6.13
CA GLY A 315 7.81 23.19 5.72
C GLY A 315 7.58 23.51 4.25
N ARG A 316 7.44 22.48 3.41
CA ARG A 316 7.28 22.65 1.97
C ARG A 316 5.84 22.33 1.56
N ALA A 317 5.26 23.18 0.71
CA ALA A 317 3.88 23.01 0.25
C ALA A 317 3.83 22.03 -0.93
N TYR A 318 3.10 20.93 -0.74
CA TYR A 318 2.89 19.91 -1.78
C TYR A 318 1.44 19.98 -2.26
N THR A 319 1.23 20.54 -3.45
CA THR A 319 -0.11 20.92 -3.93
C THR A 319 -0.69 20.01 -5.03
N LEU A 320 -2.02 19.87 -5.02
CA LEU A 320 -2.77 19.10 -6.02
C LEU A 320 -3.82 19.99 -6.69
N SER A 321 -3.73 20.13 -8.01
CA SER A 321 -4.71 20.90 -8.79
C SER A 321 -5.89 20.01 -9.17
N SER A 322 -7.08 20.32 -8.62
CA SER A 322 -8.29 19.49 -8.78
C SER A 322 -8.02 18.06 -8.26
N THR A 323 -8.51 17.03 -8.97
CA THR A 323 -8.16 15.62 -8.71
C THR A 323 -8.17 15.19 -7.23
N ALA A 340 -12.85 11.06 -4.92
CA ALA A 340 -11.48 11.56 -4.84
C ALA A 340 -10.89 11.34 -3.45
N LEU A 341 -11.59 11.84 -2.43
CA LEU A 341 -11.19 11.70 -1.04
C LEU A 341 -12.04 10.65 -0.32
N HIS A 342 -11.71 10.38 0.94
CA HIS A 342 -12.45 9.44 1.77
C HIS A 342 -12.32 9.82 3.26
N ALA A 343 -12.90 8.99 4.13
CA ALA A 343 -12.85 9.22 5.58
C ALA A 343 -12.63 7.92 6.36
N MET A 344 -11.50 7.84 7.06
CA MET A 344 -11.18 6.73 7.95
C MET A 344 -10.88 7.26 9.34
N ASP A 345 -11.72 6.89 10.32
CA ASP A 345 -11.56 7.31 11.71
C ASP A 345 -11.03 6.14 12.54
N ILE A 346 -9.71 6.15 12.78
CA ILE A 346 -9.03 5.13 13.58
C ILE A 346 -8.88 5.67 15.01
N PRO A 347 -9.10 4.82 16.04
CA PRO A 347 -8.92 5.28 17.43
C PRO A 347 -7.45 5.21 17.87
N PRO A 348 -7.07 6.00 18.90
CA PRO A 348 -5.68 5.97 19.39
C PRO A 348 -5.33 4.66 20.12
N PRO A 349 -4.10 4.14 20.01
CA PRO A 349 -2.99 4.74 19.26
C PRO A 349 -3.10 4.53 17.73
N THR A 350 -2.27 5.27 16.99
CA THR A 350 -2.35 5.37 15.52
C THR A 350 -3.66 6.03 15.06
N GLY A 351 -4.16 6.99 15.85
CA GLY A 351 -5.43 7.65 15.57
C GLY A 351 -5.55 8.98 16.29
N PRO A 352 -6.06 10.04 15.60
CA PRO A 352 -6.52 10.11 14.22
C PRO A 352 -5.36 10.25 13.23
N VAL A 353 -5.50 9.65 12.05
CA VAL A 353 -4.45 9.67 11.01
C VAL A 353 -5.00 9.89 9.61
N TRP A 354 -4.20 10.54 8.77
CA TRP A 354 -4.49 10.73 7.35
C TRP A 354 -3.80 9.65 6.55
N VAL A 355 -4.14 9.55 5.25
CA VAL A 355 -3.47 8.65 4.31
C VAL A 355 -3.26 9.36 2.98
N LEU A 356 -2.04 9.26 2.44
CA LEU A 356 -1.71 9.79 1.11
C LEU A 356 -1.50 8.62 0.14
N GLY A 357 -2.53 8.35 -0.66
CA GLY A 357 -2.51 7.24 -1.61
C GLY A 357 -1.90 7.60 -2.96
N ALA A 358 -2.29 6.84 -3.99
CA ALA A 358 -1.77 7.00 -5.35
C ALA A 358 -2.06 8.34 -6.02
N THR A 359 -3.13 9.02 -5.60
CA THR A 359 -3.46 10.36 -6.10
C THR A 359 -2.37 11.39 -5.75
N PHE A 360 -1.82 11.28 -4.54
CA PHE A 360 -0.65 12.08 -4.13
C PHE A 360 0.62 11.61 -4.83
N ILE A 361 0.84 10.30 -4.86
CA ILE A 361 2.09 9.71 -5.37
C ILE A 361 2.19 9.84 -6.90
N ARG A 362 1.05 9.98 -7.59
CA ARG A 362 1.05 10.24 -9.04
C ARG A 362 1.80 11.53 -9.38
N LYS A 363 1.52 12.60 -8.65
CA LYS A 363 2.23 13.88 -8.82
C LYS A 363 3.65 13.85 -8.24
N PHE A 364 3.81 13.22 -7.07
CA PHE A 364 5.08 13.22 -6.33
C PHE A 364 5.70 11.83 -6.19
N TYR A 365 6.83 11.61 -6.88
CA TYR A 365 7.59 10.36 -6.73
C TYR A 365 8.14 10.27 -5.30
N THR A 366 7.92 9.12 -4.66
CA THR A 366 8.18 8.96 -3.22
C THR A 366 9.28 7.93 -2.94
N GLU A 367 10.41 8.40 -2.38
CA GLU A 367 11.50 7.52 -1.94
C GLU A 367 11.29 7.16 -0.46
N PHE A 368 11.29 5.87 -0.16
CA PHE A 368 11.12 5.36 1.20
C PHE A 368 12.48 4.91 1.77
N ASP A 369 13.06 5.74 2.63
CA ASP A 369 14.41 5.53 3.15
C ASP A 369 14.38 4.79 4.50
N ARG A 370 14.98 3.61 4.55
CA ARG A 370 15.03 2.78 5.77
C ARG A 370 16.27 3.03 6.62
N HIS A 371 17.39 3.41 5.99
CA HIS A 371 18.64 3.70 6.72
C HIS A 371 18.52 4.96 7.57
N ASN A 372 18.03 6.04 6.95
CA ASN A 372 17.88 7.34 7.61
C ASN A 372 16.54 7.53 8.33
N ASN A 373 15.58 6.61 8.12
CA ASN A 373 14.19 6.75 8.61
C ASN A 373 13.58 8.07 8.14
N ARG A 374 13.22 8.12 6.87
CA ARG A 374 12.64 9.32 6.25
C ARG A 374 11.95 9.00 4.94
N ILE A 375 11.05 9.89 4.51
CA ILE A 375 10.33 9.77 3.25
C ILE A 375 10.64 11.02 2.42
N GLY A 376 11.18 10.81 1.22
CA GLY A 376 11.51 11.89 0.28
C GLY A 376 10.45 12.07 -0.79
N PHE A 377 10.26 13.31 -1.24
CA PHE A 377 9.27 13.63 -2.28
C PHE A 377 9.89 14.48 -3.38
N ALA A 378 9.49 14.20 -4.64
CA ALA A 378 9.98 14.95 -5.80
C ALA A 378 8.95 14.93 -6.93
N LEU A 379 8.93 16.00 -7.73
CA LEU A 379 7.97 16.17 -8.82
C LEU A 379 8.12 15.07 -9.88
N ALA A 380 7.00 14.42 -10.24
CA ALA A 380 7.02 13.28 -11.16
C ALA A 380 6.95 13.72 -12.62
N ARG A 381 7.31 12.80 -13.51
CA ARG A 381 7.24 13.00 -14.96
C ARG A 381 7.30 11.64 -15.69
N ALA A 382 6.92 11.63 -16.97
CA ALA A 382 7.13 10.47 -17.86
C ALA A 382 8.10 10.82 -18.99
N ALA A 383 8.36 9.86 -19.88
CA ALA A 383 9.22 10.08 -21.04
C ALA A 383 8.82 9.17 -22.20
C1 NAG B . 7.89 -19.91 12.48
C2 NAG B . 8.46 -20.66 13.68
C3 NAG B . 8.71 -19.68 14.82
C4 NAG B . 9.56 -18.48 14.38
C5 NAG B . 9.01 -17.86 13.08
C6 NAG B . 9.98 -16.83 12.51
C7 NAG B . 7.81 -23.00 14.11
C8 NAG B . 6.75 -23.89 14.67
N2 NAG B . 7.56 -21.69 14.17
O3 NAG B . 9.38 -20.36 15.89
O4 NAG B . 9.55 -17.50 15.42
O5 NAG B . 8.79 -18.88 12.10
O6 NAG B . 9.26 -15.69 12.01
O7 NAG B . 8.83 -23.48 13.62
#